data_9JB3
#
_entry.id   9JB3
#
_cell.length_a   74.197
_cell.length_b   74.197
_cell.length_c   40.398
_cell.angle_alpha   90.00
_cell.angle_beta   90.00
_cell.angle_gamma   90.00
#
_symmetry.space_group_name_H-M   'P 41'
#
loop_
_entity.id
_entity.type
_entity.pdbx_description
1 polymer 'FYVE, RhoGEF and PH domain-containing protein 6'
2 water water
#
_entity_poly.entity_id   1
_entity_poly.type   'polypeptide(L)'
_entity_poly.pdbx_seq_one_letter_code
;GSPEFIAKEIMSSEKVFVDVLKLLHIDFRDAVAHASRQLGKPVIEDRILNQILYYLPQLYELNRDLLKELEERMLHWTEQ
QRIADIFVKKGPYLKMYSTYIKEFDKNIALLDEQCKKNPGFAAVVREFEMSPRCANLALKHYLLKPVQRIPQYRLLLTDY
LKNLIEDAGDYRDTQDALAVVIEVANHAN
;
_entity_poly.pdbx_strand_id   A
#
# COMPACT_ATOMS: atom_id res chain seq x y z
N GLY A 1 -24.31 -7.24 10.79
CA GLY A 1 -24.05 -8.56 10.23
C GLY A 1 -22.57 -8.80 9.99
N SER A 2 -22.18 -10.08 9.98
CA SER A 2 -20.77 -10.42 9.84
C SER A 2 -20.17 -9.95 8.51
N PRO A 3 -20.78 -10.22 7.34
CA PRO A 3 -20.14 -9.74 6.10
C PRO A 3 -19.97 -8.24 6.06
N GLU A 4 -20.97 -7.46 6.51
CA GLU A 4 -20.81 -6.01 6.50
C GLU A 4 -19.72 -5.58 7.48
N PHE A 5 -19.66 -6.22 8.65
CA PHE A 5 -18.64 -5.87 9.62
C PHE A 5 -17.24 -6.09 9.06
N ILE A 6 -17.03 -7.23 8.40
CA ILE A 6 -15.71 -7.53 7.84
C ILE A 6 -15.39 -6.60 6.68
N ALA A 7 -16.37 -6.37 5.80
CA ALA A 7 -16.16 -5.43 4.71
C ALA A 7 -15.83 -4.03 5.24
N LYS A 8 -16.50 -3.60 6.31
CA LYS A 8 -16.15 -2.33 6.94
C LYS A 8 -14.70 -2.31 7.41
N GLU A 9 -14.21 -3.44 7.95
CA GLU A 9 -12.83 -3.48 8.43
C GLU A 9 -11.84 -3.49 7.26
N ILE A 10 -12.22 -4.12 6.15
CA ILE A 10 -11.39 -3.99 4.95
C ILE A 10 -11.28 -2.52 4.55
N MET A 11 -12.41 -1.79 4.57
CA MET A 11 -12.38 -0.38 4.20
C MET A 11 -11.58 0.44 5.21
N SER A 12 -11.84 0.25 6.51
CA SER A 12 -11.20 1.11 7.50
C SER A 12 -9.70 0.86 7.54
N SER A 13 -9.28 -0.40 7.40
CA SER A 13 -7.85 -0.67 7.33
C SER A 13 -7.25 -0.19 6.03
N GLU A 14 -8.03 -0.13 4.96
CA GLU A 14 -7.52 0.44 3.71
C GLU A 14 -7.32 1.95 3.82
N LYS A 15 -8.18 2.64 4.58
CA LYS A 15 -7.94 4.08 4.80
C LYS A 15 -6.57 4.29 5.44
N VAL A 16 -6.24 3.49 6.44
CA VAL A 16 -4.93 3.61 7.08
C VAL A 16 -3.82 3.28 6.09
N PHE A 17 -4.00 2.22 5.30
CA PHE A 17 -2.96 1.81 4.37
C PHE A 17 -2.72 2.86 3.29
N VAL A 18 -3.79 3.43 2.72
CA VAL A 18 -3.60 4.48 1.73
C VAL A 18 -2.91 5.69 2.36
N ASP A 19 -3.14 5.94 3.64
CA ASP A 19 -2.44 7.04 4.30
C ASP A 19 -0.94 6.77 4.38
N VAL A 20 -0.55 5.49 4.58
CA VAL A 20 0.87 5.15 4.51
C VAL A 20 1.42 5.37 3.12
N LEU A 21 0.68 4.98 2.08
CA LEU A 21 1.16 5.22 0.73
C LEU A 21 1.29 6.71 0.45
N LYS A 22 0.37 7.52 1.00
CA LYS A 22 0.51 8.97 0.89
C LYS A 22 1.76 9.45 1.61
N LEU A 23 1.99 8.94 2.82
CA LEU A 23 3.19 9.32 3.57
C LEU A 23 4.44 9.11 2.74
N LEU A 24 4.50 8.02 1.98
CA LEU A 24 5.70 7.71 1.20
C LEU A 24 5.72 8.46 -0.12
N HIS A 25 4.66 8.31 -0.93
CA HIS A 25 4.66 8.80 -2.30
C HIS A 25 4.49 10.32 -2.38
N ILE A 26 3.78 10.90 -1.42
CA ILE A 26 3.49 12.33 -1.41
C ILE A 26 4.33 13.04 -0.38
N ASP A 27 4.22 12.65 0.89
CA ASP A 27 4.78 13.47 1.96
C ASP A 27 6.30 13.37 2.01
N PHE A 28 6.83 12.14 1.97
CA PHE A 28 8.28 11.99 1.96
C PHE A 28 8.86 12.56 0.68
N ARG A 29 8.25 12.25 -0.46
CA ARG A 29 8.75 12.78 -1.72
C ARG A 29 8.72 14.30 -1.73
N ASP A 30 7.69 14.91 -1.13
CA ASP A 30 7.65 16.37 -1.02
C ASP A 30 8.76 16.89 -0.12
N ALA A 31 9.10 16.15 0.94
CA ALA A 31 10.21 16.57 1.80
C ALA A 31 11.52 16.57 1.03
N VAL A 32 11.74 15.56 0.20
CA VAL A 32 12.94 15.54 -0.64
C VAL A 32 12.91 16.71 -1.61
N ALA A 33 11.74 16.99 -2.21
CA ALA A 33 11.63 18.10 -3.14
C ALA A 33 11.90 19.43 -2.45
N HIS A 34 11.42 19.57 -1.21
CA HIS A 34 11.68 20.79 -0.44
C HIS A 34 13.15 20.98 -0.18
N ALA A 35 13.85 19.92 0.23
CA ALA A 35 15.29 20.04 0.46
C ALA A 35 16.02 20.36 -0.83
N SER A 36 15.59 19.78 -1.95
CA SER A 36 16.22 20.06 -3.23
C SER A 36 16.02 21.51 -3.63
N ARG A 37 14.86 22.07 -3.33
CA ARG A 37 14.67 23.49 -3.61
C ARG A 37 15.51 24.36 -2.68
N GLN A 38 15.66 23.96 -1.41
CA GLN A 38 16.52 24.70 -0.50
C GLN A 38 17.97 24.70 -0.98
N LEU A 39 18.41 23.61 -1.59
CA LEU A 39 19.78 23.49 -2.04
C LEU A 39 19.99 24.00 -3.47
N GLY A 40 18.91 24.13 -4.25
CA GLY A 40 19.02 24.54 -5.63
C GLY A 40 19.42 23.44 -6.59
N LYS A 41 19.40 22.20 -6.14
CA LYS A 41 19.77 21.05 -6.97
C LYS A 41 19.22 19.81 -6.30
N PRO A 42 19.05 18.71 -7.03
CA PRO A 42 18.50 17.50 -6.40
C PRO A 42 19.40 17.03 -5.28
N VAL A 43 18.79 16.74 -4.11
CA VAL A 43 19.57 16.18 -3.02
C VAL A 43 19.91 14.73 -3.28
N ILE A 44 19.16 14.07 -4.16
CA ILE A 44 19.41 12.70 -4.58
C ILE A 44 18.90 12.56 -6.01
N GLU A 45 19.57 11.71 -6.79
CA GLU A 45 19.14 11.46 -8.16
C GLU A 45 17.73 10.88 -8.19
N ASP A 46 16.89 11.42 -9.08
CA ASP A 46 15.52 10.92 -9.22
C ASP A 46 15.48 9.41 -9.40
N ARG A 47 16.36 8.87 -10.25
CA ARG A 47 16.30 7.44 -10.53
C ARG A 47 16.58 6.60 -9.29
N ILE A 48 17.42 7.10 -8.37
CA ILE A 48 17.68 6.37 -7.14
C ILE A 48 16.50 6.51 -6.18
N LEU A 49 15.99 7.73 -6.03
CA LEU A 49 14.81 7.93 -5.18
C LEU A 49 13.64 7.08 -5.64
N ASN A 50 13.43 6.98 -6.96
CA ASN A 50 12.30 6.22 -7.47
C ASN A 50 12.48 4.72 -7.23
N GLN A 51 13.72 4.24 -7.14
CA GLN A 51 13.96 2.84 -6.82
C GLN A 51 13.71 2.56 -5.34
N ILE A 52 14.08 3.52 -4.47
CA ILE A 52 13.74 3.39 -3.06
C ILE A 52 12.23 3.38 -2.89
N LEU A 53 11.55 4.32 -3.54
CA LEU A 53 10.10 4.41 -3.51
C LEU A 53 9.50 3.57 -4.64
N TYR A 54 9.88 2.29 -4.62
CA TYR A 54 9.67 1.38 -5.74
C TYR A 54 8.18 1.21 -6.05
N TYR A 55 7.77 1.60 -7.26
CA TYR A 55 6.40 1.48 -7.72
C TYR A 55 5.40 2.29 -6.88
N LEU A 56 5.87 3.19 -6.02
CA LEU A 56 4.94 3.90 -5.16
C LEU A 56 3.94 4.79 -5.91
N PRO A 57 4.28 5.45 -7.02
CA PRO A 57 3.24 6.21 -7.73
C PRO A 57 2.11 5.31 -8.20
N GLN A 58 2.46 4.14 -8.74
CA GLN A 58 1.45 3.20 -9.21
C GLN A 58 0.64 2.62 -8.07
N LEU A 59 1.30 2.25 -6.97
CA LEU A 59 0.56 1.65 -5.87
C LEU A 59 -0.34 2.68 -5.19
N TYR A 60 0.13 3.92 -5.04
CA TYR A 60 -0.72 4.96 -4.48
C TYR A 60 -1.96 5.18 -5.34
N GLU A 61 -1.77 5.32 -6.66
CA GLU A 61 -2.92 5.54 -7.54
C GLU A 61 -3.87 4.36 -7.49
N LEU A 62 -3.32 3.14 -7.48
CA LEU A 62 -4.15 1.94 -7.45
C LEU A 62 -5.00 1.90 -6.19
N ASN A 63 -4.35 2.05 -5.03
CA ASN A 63 -5.10 1.84 -3.79
C ASN A 63 -5.94 3.04 -3.40
N ARG A 64 -5.54 4.26 -3.79
CA ARG A 64 -6.43 5.41 -3.59
C ARG A 64 -7.77 5.17 -4.27
N ASP A 65 -7.75 4.59 -5.47
CA ASP A 65 -9.00 4.35 -6.19
C ASP A 65 -9.74 3.13 -5.65
N LEU A 66 -9.00 2.08 -5.29
CA LEU A 66 -9.61 0.94 -4.63
C LEU A 66 -10.36 1.39 -3.38
N LEU A 67 -9.72 2.21 -2.57
CA LEU A 67 -10.33 2.71 -1.34
C LEU A 67 -11.60 3.49 -1.62
N LYS A 68 -11.55 4.42 -2.58
CA LYS A 68 -12.74 5.23 -2.85
C LYS A 68 -13.90 4.36 -3.32
N GLU A 69 -13.61 3.32 -4.12
CA GLU A 69 -14.67 2.41 -4.52
C GLU A 69 -15.23 1.64 -3.34
N LEU A 70 -14.37 1.17 -2.44
CA LEU A 70 -14.85 0.51 -1.22
C LEU A 70 -15.72 1.46 -0.39
N GLU A 71 -15.31 2.73 -0.28
CA GLU A 71 -16.08 3.69 0.50
C GLU A 71 -17.47 3.87 -0.09
N GLU A 72 -17.56 3.98 -1.42
CA GLU A 72 -18.87 4.04 -2.06
C GLU A 72 -19.69 2.80 -1.76
N ARG A 73 -19.08 1.62 -1.80
CA ARG A 73 -19.85 0.41 -1.52
C ARG A 73 -20.39 0.42 -0.10
N MET A 74 -19.58 0.83 0.87
CA MET A 74 -20.05 0.75 2.25
C MET A 74 -21.12 1.80 2.53
N LEU A 75 -21.11 2.91 1.79
CA LEU A 75 -22.18 3.90 1.91
C LEU A 75 -23.51 3.39 1.36
N HIS A 76 -23.50 2.37 0.51
CA HIS A 76 -24.72 1.90 -0.13
C HIS A 76 -24.96 0.41 0.13
N TRP A 77 -24.42 -0.11 1.24
CA TRP A 77 -24.48 -1.53 1.53
C TRP A 77 -25.90 -2.05 1.61
N THR A 78 -26.84 -1.22 2.07
CA THR A 78 -28.23 -1.67 2.17
C THR A 78 -28.75 -2.18 0.84
N GLU A 79 -28.38 -1.52 -0.25
CA GLU A 79 -28.88 -1.87 -1.57
C GLU A 79 -28.00 -2.85 -2.31
N GLN A 80 -26.71 -2.93 -2.00
CA GLN A 80 -25.79 -3.81 -2.72
C GLN A 80 -24.68 -4.26 -1.79
N GLN A 81 -24.60 -5.56 -1.54
CA GLN A 81 -23.61 -6.12 -0.61
C GLN A 81 -22.48 -6.78 -1.40
N ARG A 82 -21.62 -5.95 -1.98
CA ARG A 82 -20.51 -6.44 -2.79
C ARG A 82 -19.29 -5.56 -2.61
N ILE A 83 -18.13 -6.19 -2.45
CA ILE A 83 -16.84 -5.50 -2.50
C ILE A 83 -15.81 -6.27 -3.34
N ALA A 84 -15.95 -7.59 -3.46
CA ALA A 84 -14.83 -8.38 -3.95
C ALA A 84 -14.58 -8.15 -5.44
N ASP A 85 -15.61 -7.75 -6.20
CA ASP A 85 -15.42 -7.46 -7.62
C ASP A 85 -14.40 -6.35 -7.83
N ILE A 86 -14.25 -5.45 -6.85
CA ILE A 86 -13.26 -4.39 -6.99
C ILE A 86 -11.85 -4.96 -6.98
N PHE A 87 -11.57 -5.91 -6.09
CA PHE A 87 -10.27 -6.57 -6.08
C PHE A 87 -10.04 -7.35 -7.37
N VAL A 88 -11.05 -8.08 -7.84
CA VAL A 88 -10.89 -8.86 -9.07
C VAL A 88 -10.57 -7.94 -10.24
N LYS A 89 -11.29 -6.81 -10.33
CA LYS A 89 -11.10 -5.86 -11.44
C LYS A 89 -9.67 -5.33 -11.47
N LYS A 90 -9.10 -5.10 -10.30
CA LYS A 90 -7.79 -4.47 -10.19
C LYS A 90 -6.65 -5.49 -10.15
N GLY A 91 -6.97 -6.78 -10.36
CA GLY A 91 -5.97 -7.83 -10.36
C GLY A 91 -4.67 -7.55 -11.08
N PRO A 92 -4.73 -7.12 -12.35
CA PRO A 92 -3.47 -6.90 -13.09
C PRO A 92 -2.56 -5.89 -12.41
N TYR A 93 -3.14 -4.91 -11.72
CA TYR A 93 -2.39 -3.88 -11.02
CA TYR A 93 -2.35 -3.90 -11.05
C TYR A 93 -1.98 -4.32 -9.64
N LEU A 94 -2.82 -5.10 -8.96
CA LEU A 94 -2.41 -5.64 -7.66
C LEU A 94 -1.18 -6.51 -7.78
N LYS A 95 -0.95 -7.11 -8.96
CA LYS A 95 0.25 -7.92 -9.15
C LYS A 95 1.53 -7.10 -9.06
N MET A 96 1.44 -5.77 -9.11
CA MET A 96 2.64 -4.97 -8.88
C MET A 96 3.17 -5.14 -7.46
N TYR A 97 2.32 -5.52 -6.51
CA TYR A 97 2.83 -5.79 -5.17
C TYR A 97 3.76 -6.98 -5.14
N SER A 98 3.67 -7.89 -6.13
CA SER A 98 4.58 -9.02 -6.19
C SER A 98 6.02 -8.55 -6.37
N THR A 99 6.27 -7.67 -7.34
CA THR A 99 7.64 -7.20 -7.48
C THR A 99 8.04 -6.31 -6.32
N TYR A 100 7.10 -5.55 -5.75
CA TYR A 100 7.43 -4.75 -4.57
C TYR A 100 7.96 -5.64 -3.45
N ILE A 101 7.28 -6.76 -3.20
CA ILE A 101 7.69 -7.67 -2.15
C ILE A 101 9.01 -8.33 -2.50
N LYS A 102 9.15 -8.79 -3.74
CA LYS A 102 10.36 -9.52 -4.11
C LYS A 102 11.60 -8.61 -4.06
N GLU A 103 11.45 -7.32 -4.38
CA GLU A 103 12.59 -6.40 -4.40
C GLU A 103 12.79 -5.66 -3.08
N PHE A 104 11.99 -5.95 -2.06
CA PHE A 104 11.97 -5.13 -0.85
C PHE A 104 13.34 -5.09 -0.16
N ASP A 105 13.94 -6.26 0.08
CA ASP A 105 15.22 -6.27 0.79
C ASP A 105 16.28 -5.48 0.03
N LYS A 106 16.31 -5.60 -1.29
CA LYS A 106 17.29 -4.85 -2.09
C LYS A 106 17.00 -3.36 -2.02
N ASN A 107 15.73 -2.97 -2.06
CA ASN A 107 15.42 -1.55 -2.03
C ASN A 107 15.63 -0.94 -0.65
N ILE A 108 15.43 -1.72 0.43
CA ILE A 108 15.77 -1.22 1.76
C ILE A 108 17.28 -1.08 1.91
N ALA A 109 18.05 -2.03 1.36
CA ALA A 109 19.49 -1.89 1.41
C ALA A 109 19.95 -0.66 0.64
N LEU A 110 19.26 -0.35 -0.46
CA LEU A 110 19.58 0.87 -1.20
C LEU A 110 19.28 2.12 -0.37
N LEU A 111 18.14 2.16 0.31
CA LEU A 111 17.84 3.26 1.23
C LEU A 111 18.95 3.42 2.26
N ASP A 112 19.37 2.31 2.88
CA ASP A 112 20.41 2.36 3.89
C ASP A 112 21.72 2.88 3.32
N GLU A 113 22.11 2.38 2.14
CA GLU A 113 23.32 2.86 1.49
C GLU A 113 23.26 4.35 1.24
N GLN A 114 22.13 4.83 0.71
CA GLN A 114 22.03 6.23 0.35
C GLN A 114 22.04 7.13 1.58
N CYS A 115 21.43 6.68 2.68
CA CYS A 115 21.52 7.47 3.91
C CYS A 115 22.94 7.52 4.43
N LYS A 116 23.73 6.46 4.22
CA LYS A 116 25.08 6.47 4.74
C LYS A 116 26.05 7.24 3.84
N LYS A 117 25.80 7.27 2.53
CA LYS A 117 26.77 7.85 1.60
C LYS A 117 26.37 9.20 1.03
N ASN A 118 25.14 9.65 1.25
CA ASN A 118 24.66 10.93 0.70
C ASN A 118 24.14 11.77 1.87
N PRO A 119 24.94 12.69 2.40
CA PRO A 119 24.53 13.39 3.63
C PRO A 119 23.32 14.29 3.46
N GLY A 120 23.13 14.93 2.31
CA GLY A 120 21.93 15.72 2.12
C GLY A 120 20.67 14.88 2.16
N PHE A 121 20.74 13.69 1.56
CA PHE A 121 19.60 12.78 1.60
C PHE A 121 19.39 12.23 3.00
N ALA A 122 20.48 11.83 3.68
CA ALA A 122 20.38 11.37 5.06
C ALA A 122 19.67 12.39 5.95
N ALA A 123 19.98 13.68 5.76
CA ALA A 123 19.36 14.71 6.59
C ALA A 123 17.86 14.80 6.33
N VAL A 124 17.43 14.72 5.07
CA VAL A 124 16.00 14.77 4.78
C VAL A 124 15.29 13.57 5.40
N VAL A 125 15.90 12.39 5.27
CA VAL A 125 15.26 11.18 5.81
C VAL A 125 15.12 11.28 7.32
N ARG A 126 16.20 11.64 8.01
CA ARG A 126 16.15 11.69 9.47
C ARG A 126 15.17 12.76 9.94
N GLU A 127 15.20 13.94 9.32
CA GLU A 127 14.27 14.99 9.73
C GLU A 127 12.83 14.59 9.47
N PHE A 128 12.57 13.90 8.36
CA PHE A 128 11.23 13.42 8.09
C PHE A 128 10.81 12.36 9.12
N GLU A 129 11.71 11.43 9.44
CA GLU A 129 11.39 10.41 10.42
C GLU A 129 11.07 11.01 11.79
N MET A 130 11.72 12.12 12.14
CA MET A 130 11.48 12.74 13.44
C MET A 130 10.28 13.68 13.43
N SER A 131 9.71 13.95 12.26
CA SER A 131 8.61 14.88 12.15
C SER A 131 7.33 14.25 12.69
N PRO A 132 6.32 15.06 13.02
CA PRO A 132 5.07 14.48 13.52
C PRO A 132 4.44 13.50 12.55
N ARG A 133 4.65 13.70 11.24
CA ARG A 133 4.05 12.81 10.26
C ARG A 133 4.52 11.36 10.45
N CYS A 134 5.82 11.17 10.71
CA CYS A 134 6.34 9.82 10.90
C CYS A 134 6.33 9.38 12.35
N ALA A 135 6.36 10.33 13.29
CA ALA A 135 6.27 10.05 14.72
C ALA A 135 7.42 9.17 15.21
N ASN A 136 8.61 9.43 14.67
CA ASN A 136 9.84 8.73 15.09
C ASN A 136 9.80 7.24 14.79
N LEU A 137 9.07 6.87 13.73
CA LEU A 137 9.20 5.57 13.13
C LEU A 137 10.04 5.71 11.86
N ALA A 138 10.93 4.74 11.64
CA ALA A 138 11.84 4.79 10.51
C ALA A 138 11.09 4.67 9.19
N LEU A 139 11.70 5.22 8.14
CA LEU A 139 11.09 5.10 6.82
C LEU A 139 10.89 3.63 6.43
N LYS A 140 11.83 2.77 6.83
CA LYS A 140 11.71 1.34 6.54
C LYS A 140 10.45 0.74 7.16
N HIS A 141 10.02 1.25 8.31
CA HIS A 141 8.76 0.79 8.91
C HIS A 141 7.60 1.02 7.97
N TYR A 142 7.55 2.21 7.36
CA TYR A 142 6.44 2.51 6.45
C TYR A 142 6.61 1.76 5.13
N LEU A 143 7.84 1.64 4.63
CA LEU A 143 8.07 0.93 3.38
C LEU A 143 7.72 -0.55 3.48
N LEU A 144 7.70 -1.11 4.69
CA LEU A 144 7.29 -2.50 4.88
C LEU A 144 5.77 -2.67 4.83
N LYS A 145 5.01 -1.60 5.03
CA LYS A 145 3.55 -1.76 5.11
C LYS A 145 2.92 -2.41 3.87
N PRO A 146 3.34 -2.13 2.63
CA PRO A 146 2.74 -2.85 1.50
C PRO A 146 2.99 -4.35 1.55
N VAL A 147 4.18 -4.76 2.04
CA VAL A 147 4.47 -6.17 2.24
C VAL A 147 3.49 -6.79 3.23
N GLN A 148 3.19 -6.07 4.31
CA GLN A 148 2.29 -6.58 5.33
C GLN A 148 0.82 -6.50 4.91
N ARG A 149 0.48 -5.60 3.98
CA ARG A 149 -0.92 -5.41 3.61
C ARG A 149 -1.47 -6.63 2.89
N ILE A 150 -0.65 -7.29 2.07
CA ILE A 150 -1.18 -8.39 1.26
C ILE A 150 -1.64 -9.57 2.12
N PRO A 151 -0.86 -10.04 3.10
CA PRO A 151 -1.40 -11.07 4.01
C PRO A 151 -2.63 -10.60 4.77
N GLN A 152 -2.76 -9.29 5.04
CA GLN A 152 -3.98 -8.81 5.70
C GLN A 152 -5.19 -8.93 4.78
N TYR A 153 -5.03 -8.62 3.49
CA TYR A 153 -6.11 -8.86 2.54
C TYR A 153 -6.53 -10.32 2.56
N ARG A 154 -5.54 -11.22 2.60
CA ARG A 154 -5.85 -12.64 2.60
C ARG A 154 -6.68 -13.02 3.83
N LEU A 155 -6.24 -12.58 5.02
CA LEU A 155 -6.99 -12.91 6.22
C LEU A 155 -8.40 -12.32 6.17
N LEU A 156 -8.51 -11.05 5.76
CA LEU A 156 -9.81 -10.40 5.78
C LEU A 156 -10.75 -11.00 4.75
N LEU A 157 -10.26 -11.25 3.53
CA LEU A 157 -11.12 -11.85 2.52
C LEU A 157 -11.50 -13.29 2.86
N THR A 158 -10.61 -14.02 3.54
CA THR A 158 -10.96 -15.38 3.96
C THR A 158 -12.08 -15.35 5.02
N ASP A 159 -11.99 -14.42 5.97
CA ASP A 159 -13.05 -14.28 6.96
C ASP A 159 -14.35 -13.81 6.32
N TYR A 160 -14.25 -12.87 5.37
CA TYR A 160 -15.42 -12.42 4.62
C TYR A 160 -16.11 -13.58 3.93
N LEU A 161 -15.34 -14.41 3.19
CA LEU A 161 -15.88 -15.55 2.47
C LEU A 161 -16.58 -16.54 3.41
N LYS A 162 -15.99 -16.78 4.59
CA LYS A 162 -16.54 -17.72 5.56
C LYS A 162 -17.94 -17.32 5.99
N ASN A 163 -18.24 -16.02 5.94
CA ASN A 163 -19.50 -15.50 6.42
C ASN A 163 -20.48 -15.18 5.29
N LEU A 164 -20.17 -15.58 4.05
CA LEU A 164 -21.05 -15.42 2.91
C LEU A 164 -21.87 -16.68 2.65
N ILE A 165 -22.88 -16.55 1.78
CA ILE A 165 -23.72 -17.66 1.36
C ILE A 165 -23.19 -18.21 0.04
N GLU A 166 -23.07 -19.54 -0.05
CA GLU A 166 -22.40 -20.17 -1.16
C GLU A 166 -23.05 -19.82 -2.50
N ASP A 167 -22.21 -19.49 -3.48
CA ASP A 167 -22.60 -19.24 -4.87
C ASP A 167 -23.76 -18.26 -4.97
N ALA A 168 -23.78 -17.30 -4.06
CA ALA A 168 -24.72 -16.18 -4.13
C ALA A 168 -23.93 -14.89 -3.98
N GLY A 169 -24.39 -13.85 -4.68
CA GLY A 169 -23.81 -12.53 -4.60
C GLY A 169 -22.31 -12.45 -4.78
N ASP A 170 -21.62 -11.96 -3.74
CA ASP A 170 -20.19 -11.68 -3.77
C ASP A 170 -19.32 -12.93 -3.59
N TYR A 171 -19.92 -14.11 -3.50
CA TYR A 171 -19.16 -15.31 -3.12
C TYR A 171 -18.08 -15.65 -4.15
N ARG A 172 -18.46 -15.82 -5.42
CA ARG A 172 -17.50 -16.23 -6.44
C ARG A 172 -16.39 -15.20 -6.62
N ASP A 173 -16.74 -13.91 -6.64
CA ASP A 173 -15.70 -12.90 -6.77
C ASP A 173 -14.77 -12.88 -5.56
N THR A 174 -15.28 -13.20 -4.37
CA THR A 174 -14.40 -13.28 -3.22
C THR A 174 -13.41 -14.42 -3.37
N GLN A 175 -13.85 -15.56 -3.90
CA GLN A 175 -12.92 -16.65 -4.19
C GLN A 175 -11.84 -16.18 -5.15
N ASP A 176 -12.24 -15.47 -6.20
CA ASP A 176 -11.27 -15.05 -7.20
C ASP A 176 -10.35 -13.96 -6.67
N ALA A 177 -10.88 -13.08 -5.81
CA ALA A 177 -10.03 -12.07 -5.19
C ALA A 177 -9.00 -12.71 -4.28
N LEU A 178 -9.42 -13.73 -3.53
CA LEU A 178 -8.49 -14.45 -2.67
C LEU A 178 -7.37 -15.09 -3.49
N ALA A 179 -7.70 -15.65 -4.65
CA ALA A 179 -6.68 -16.25 -5.50
C ALA A 179 -5.66 -15.20 -5.96
N VAL A 180 -6.11 -13.99 -6.28
CA VAL A 180 -5.19 -12.92 -6.68
C VAL A 180 -4.25 -12.59 -5.53
N VAL A 181 -4.80 -12.39 -4.34
CA VAL A 181 -3.96 -11.92 -3.24
C VAL A 181 -3.03 -13.03 -2.76
N ILE A 182 -3.43 -14.31 -2.84
CA ILE A 182 -2.53 -15.39 -2.44
C ILE A 182 -1.34 -15.46 -3.40
N GLU A 183 -1.59 -15.32 -4.71
CA GLU A 183 -0.48 -15.31 -5.65
C GLU A 183 0.52 -14.20 -5.32
N VAL A 184 0.03 -13.02 -4.93
CA VAL A 184 0.93 -11.93 -4.55
C VAL A 184 1.65 -12.26 -3.24
N ALA A 185 0.90 -12.72 -2.23
CA ALA A 185 1.48 -12.98 -0.92
C ALA A 185 2.60 -14.00 -0.96
N ASN A 186 2.54 -14.95 -1.90
CA ASN A 186 3.55 -16.00 -1.96
C ASN A 186 4.93 -15.47 -2.33
N HIS A 187 5.02 -14.25 -2.87
CA HIS A 187 6.33 -13.71 -3.22
C HIS A 187 7.15 -13.34 -2.00
N ALA A 188 6.56 -13.38 -0.80
CA ALA A 188 7.34 -13.24 0.42
C ALA A 188 8.12 -14.50 0.76
N ASN A 189 7.79 -15.62 0.14
CA ASN A 189 8.48 -16.89 0.39
C ASN A 189 9.88 -16.87 -0.22
#